data_4A0N
#
_entry.id   4A0N
#
_cell.length_a   68.455
_cell.length_b   68.234
_cell.length_c   89.965
_cell.angle_alpha   90.00
_cell.angle_beta   90.00
_cell.angle_gamma   90.00
#
_symmetry.space_group_name_H-M   'I 2 2 2'
#
loop_
_entity.id
_entity.type
_entity.pdbx_description
1 polymer 'BACULOVIRAL IAP REPEAT-CONTAINING PROTEIN 5'
2 polymer 'HISTONE H3 PEPTIDE'
3 non-polymer 'ZINC ION'
#
loop_
_entity_poly.entity_id
_entity_poly.type
_entity_poly.pdbx_seq_one_letter_code
_entity_poly.pdbx_strand_id
1 'polypeptide(L)'
;MGAPTLPPAWQPFLKDHRISTFKNWPFLEGCACTPERMAEAGFIHCPTENEPDLAQCFFCFKELEGWEPDDDPIEEHKKH
SSGCAFLSVKKQFEELTLGEFLKLDRERAKNKIAKETNNKKKEFEETAKKVRRAIEQLAAMD
;
A
2 'polypeptide(L)' AR(TPO)KQT C
#
loop_
_chem_comp.id
_chem_comp.type
_chem_comp.name
_chem_comp.formula
ZN non-polymer 'ZINC ION' 'Zn 2'
#
# COMPACT_ATOMS: atom_id res chain seq x y z
N GLN A 11 -7.25 -11.53 -9.68
CA GLN A 11 -6.85 -10.60 -10.74
C GLN A 11 -5.61 -9.78 -10.34
N PRO A 12 -5.70 -9.03 -9.22
CA PRO A 12 -4.52 -8.32 -8.69
C PRO A 12 -3.46 -9.30 -8.16
N PHE A 13 -3.87 -10.54 -7.93
CA PHE A 13 -2.95 -11.56 -7.45
C PHE A 13 -1.96 -11.92 -8.55
N LEU A 14 -2.31 -11.53 -9.78
CA LEU A 14 -1.48 -11.78 -10.94
C LEU A 14 -0.46 -10.69 -11.09
N LYS A 15 0.82 -11.08 -11.04
CA LYS A 15 1.90 -10.13 -11.22
C LYS A 15 1.63 -9.26 -12.44
N ASP A 16 1.05 -9.85 -13.48
CA ASP A 16 0.89 -9.17 -14.76
C ASP A 16 -0.26 -8.16 -14.81
N HIS A 17 -1.28 -8.34 -13.96
CA HIS A 17 -2.28 -7.29 -13.83
C HIS A 17 -1.60 -6.09 -13.19
N ARG A 18 -0.75 -6.36 -12.20
CA ARG A 18 -0.07 -5.30 -11.47
C ARG A 18 0.93 -4.55 -12.33
N ILE A 19 1.84 -5.27 -12.96
CA ILE A 19 2.89 -4.67 -13.77
C ILE A 19 2.34 -3.74 -14.84
N SER A 20 1.08 -3.96 -15.22
CA SER A 20 0.46 -3.16 -16.27
C SER A 20 -0.02 -1.80 -15.78
N THR A 21 0.08 -1.56 -14.48
CA THR A 21 -0.37 -0.29 -13.90
C THR A 21 0.76 0.75 -13.96
N PHE A 22 1.95 0.30 -14.32
CA PHE A 22 3.13 1.17 -14.28
C PHE A 22 3.50 1.73 -15.66
N LYS A 23 2.52 1.85 -16.56
CA LYS A 23 2.78 2.32 -17.91
C LYS A 23 3.24 3.79 -17.95
N ASN A 24 3.16 4.46 -16.80
CA ASN A 24 3.65 5.83 -16.68
C ASN A 24 4.46 6.01 -15.40
N TRP A 25 5.11 4.93 -14.96
CA TRP A 25 5.96 4.92 -13.77
C TRP A 25 7.37 5.39 -14.13
N PRO A 26 7.92 6.31 -13.33
CA PRO A 26 9.20 6.98 -13.57
C PRO A 26 10.44 6.08 -13.52
N PHE A 27 10.58 5.29 -12.47
CA PHE A 27 11.80 4.53 -12.25
C PHE A 27 11.85 3.29 -13.12
N LEU A 28 12.68 3.35 -14.16
CA LEU A 28 12.76 2.29 -15.15
C LEU A 28 14.03 1.48 -15.00
N GLU A 29 14.45 0.86 -16.09
CA GLU A 29 15.63 0.02 -16.12
C GLU A 29 16.85 0.81 -15.68
N GLY A 30 17.53 0.31 -14.66
CA GLY A 30 18.69 0.98 -14.10
C GLY A 30 18.51 1.19 -12.62
N CYS A 31 17.25 1.24 -12.20
CA CYS A 31 16.89 1.43 -10.80
C CYS A 31 16.63 0.08 -10.13
N ALA A 32 16.16 0.14 -8.88
CA ALA A 32 15.84 -1.07 -8.10
C ALA A 32 14.35 -1.25 -7.96
N CYS A 33 13.64 -0.13 -7.82
CA CYS A 33 12.19 -0.13 -7.75
C CYS A 33 11.61 -0.06 -9.16
N THR A 34 12.13 -0.90 -10.05
CA THR A 34 11.60 -1.01 -11.39
C THR A 34 10.18 -1.56 -11.35
N PRO A 35 9.38 -1.28 -12.39
CA PRO A 35 8.00 -1.75 -12.42
C PRO A 35 7.93 -3.24 -12.13
N GLU A 36 8.99 -3.97 -12.48
CA GLU A 36 9.01 -5.42 -12.29
C GLU A 36 9.22 -5.81 -10.84
N ARG A 37 10.27 -5.23 -10.22
CA ARG A 37 10.57 -5.52 -8.81
C ARG A 37 9.47 -4.95 -7.90
N MET A 38 8.78 -3.92 -8.39
CA MET A 38 7.65 -3.33 -7.68
C MET A 38 6.42 -4.23 -7.77
N ALA A 39 6.04 -4.58 -8.99
CA ALA A 39 4.88 -5.43 -9.22
C ALA A 39 5.06 -6.79 -8.56
N GLU A 40 6.30 -7.25 -8.47
CA GLU A 40 6.58 -8.55 -7.88
C GLU A 40 6.51 -8.47 -6.36
N ALA A 41 6.53 -7.25 -5.83
CA ALA A 41 6.45 -7.04 -4.40
C ALA A 41 5.03 -6.71 -3.94
N GLY A 42 4.07 -6.88 -4.84
CA GLY A 42 2.67 -6.66 -4.51
C GLY A 42 2.19 -5.28 -4.85
N PHE A 43 3.06 -4.48 -5.45
CA PHE A 43 2.75 -3.06 -5.64
C PHE A 43 1.95 -2.75 -6.89
N ILE A 44 1.23 -1.64 -6.82
CA ILE A 44 0.40 -1.15 -7.91
C ILE A 44 0.50 0.37 -7.99
N HIS A 45 0.59 0.90 -9.21
CA HIS A 45 0.86 2.32 -9.40
C HIS A 45 -0.41 3.14 -9.29
N CYS A 46 -0.47 4.02 -8.28
CA CYS A 46 -1.63 4.87 -8.05
C CYS A 46 -1.23 6.34 -8.01
N PRO A 47 -1.00 6.93 -9.19
CA PRO A 47 -0.48 8.29 -9.27
C PRO A 47 -1.56 9.33 -9.04
N THR A 48 -1.39 10.16 -8.02
CA THR A 48 -2.26 11.32 -7.84
C THR A 48 -1.55 12.53 -8.43
N GLU A 49 -2.30 13.60 -8.65
CA GLU A 49 -1.73 14.80 -9.27
C GLU A 49 -0.52 15.33 -8.50
N ASN A 50 -0.47 15.07 -7.20
CA ASN A 50 0.60 15.61 -6.37
C ASN A 50 1.64 14.57 -5.90
N GLU A 51 1.24 13.31 -5.85
CA GLU A 51 2.19 12.23 -5.56
C GLU A 51 2.10 11.16 -6.65
N PRO A 52 2.70 11.44 -7.81
CA PRO A 52 2.60 10.61 -9.02
C PRO A 52 3.40 9.32 -8.94
N ASP A 53 4.23 9.16 -7.92
CA ASP A 53 4.96 7.89 -7.74
C ASP A 53 4.36 7.04 -6.61
N LEU A 54 3.19 7.44 -6.13
CA LEU A 54 2.49 6.69 -5.09
C LEU A 54 2.13 5.28 -5.57
N ALA A 55 2.58 4.27 -4.82
CA ALA A 55 2.27 2.89 -5.16
C ALA A 55 1.66 2.22 -3.94
N GLN A 56 0.72 1.31 -4.17
CA GLN A 56 -0.02 0.68 -3.08
C GLN A 56 0.00 -0.84 -3.17
N CYS A 57 0.17 -1.50 -2.03
CA CYS A 57 0.14 -2.95 -2.00
C CYS A 57 -1.28 -3.45 -2.25
N PHE A 58 -1.41 -4.35 -3.22
CA PHE A 58 -2.71 -4.86 -3.61
C PHE A 58 -3.33 -5.68 -2.49
N PHE A 59 -2.51 -6.01 -1.49
CA PHE A 59 -2.94 -6.97 -0.47
C PHE A 59 -3.14 -6.33 0.89
N CYS A 60 -2.18 -5.53 1.34
CA CYS A 60 -2.28 -4.90 2.65
C CYS A 60 -2.67 -3.43 2.54
N PHE A 61 -2.65 -2.91 1.32
CA PHE A 61 -3.16 -1.56 1.03
C PHE A 61 -2.34 -0.40 1.60
N LYS A 62 -1.14 -0.68 2.12
CA LYS A 62 -0.27 0.42 2.55
C LYS A 62 0.15 1.21 1.33
N GLU A 63 0.28 2.53 1.48
CA GLU A 63 0.64 3.41 0.37
C GLU A 63 1.96 4.14 0.59
N LEU A 64 2.90 3.93 -0.32
CA LEU A 64 4.24 4.50 -0.18
C LEU A 64 4.59 5.41 -1.34
N GLU A 65 5.09 6.59 -1.01
CA GLU A 65 5.44 7.59 -2.00
C GLU A 65 6.89 8.06 -1.82
N GLY A 66 7.32 8.99 -2.65
CA GLY A 66 8.68 9.50 -2.60
C GLY A 66 9.70 8.40 -2.72
N TRP A 67 9.51 7.53 -3.69
CA TRP A 67 10.46 6.46 -3.96
C TRP A 67 11.80 7.04 -4.37
N GLU A 68 12.82 6.17 -4.40
CA GLU A 68 14.16 6.59 -4.77
C GLU A 68 14.83 5.48 -5.56
N PRO A 69 15.53 5.85 -6.65
CA PRO A 69 16.19 4.94 -7.60
C PRO A 69 16.72 3.65 -6.95
N ASP A 70 17.34 3.72 -5.79
CA ASP A 70 17.80 2.50 -5.13
C ASP A 70 16.95 2.11 -3.91
N ASP A 71 15.64 2.28 -4.05
CA ASP A 71 14.68 1.74 -3.10
C ASP A 71 14.30 0.33 -3.53
N ASP A 72 14.47 -0.65 -2.64
CA ASP A 72 14.07 -2.02 -2.91
C ASP A 72 12.62 -2.26 -2.53
N PRO A 73 11.74 -2.44 -3.53
CA PRO A 73 10.30 -2.51 -3.31
C PRO A 73 9.95 -3.47 -2.19
N ILE A 74 10.69 -4.59 -2.11
CA ILE A 74 10.46 -5.58 -1.08
C ILE A 74 10.95 -5.10 0.28
N GLU A 75 12.14 -4.48 0.30
CA GLU A 75 12.72 -3.97 1.54
C GLU A 75 11.83 -2.90 2.18
N GLU A 76 11.35 -1.98 1.35
CA GLU A 76 10.44 -0.94 1.83
C GLU A 76 9.14 -1.55 2.33
N HIS A 77 8.71 -2.61 1.69
CA HIS A 77 7.46 -3.26 2.03
C HIS A 77 7.52 -3.83 3.44
N LYS A 78 8.51 -4.68 3.70
CA LYS A 78 8.68 -5.26 5.04
C LYS A 78 8.79 -4.15 6.06
N LYS A 79 9.44 -3.06 5.68
CA LYS A 79 9.80 -2.00 6.61
C LYS A 79 8.60 -1.19 7.08
N HIS A 80 7.63 -0.97 6.19
CA HIS A 80 6.49 -0.14 6.53
C HIS A 80 5.24 -0.95 6.91
N SER A 81 5.03 -2.07 6.23
CA SER A 81 3.92 -2.97 6.57
C SER A 81 4.42 -4.37 6.87
N SER A 82 5.13 -4.51 7.99
CA SER A 82 5.74 -5.78 8.37
C SER A 82 4.75 -6.94 8.48
N GLY A 83 3.51 -6.63 8.84
CA GLY A 83 2.51 -7.66 9.07
C GLY A 83 1.69 -8.05 7.84
N CYS A 84 2.28 -7.89 6.66
CA CYS A 84 1.58 -8.23 5.41
C CYS A 84 1.78 -9.68 4.98
N ALA A 85 0.68 -10.40 4.82
CA ALA A 85 0.72 -11.82 4.51
C ALA A 85 1.38 -12.11 3.16
N PHE A 86 1.10 -11.27 2.18
CA PHE A 86 1.65 -11.45 0.83
C PHE A 86 3.18 -11.57 0.89
N LEU A 87 3.78 -10.80 1.79
CA LEU A 87 5.22 -10.82 2.02
C LEU A 87 5.75 -12.21 2.37
N SER A 88 4.92 -13.01 3.01
CA SER A 88 5.37 -14.31 3.53
C SER A 88 5.03 -15.46 2.57
N VAL A 89 4.26 -15.16 1.53
CA VAL A 89 4.03 -16.13 0.47
C VAL A 89 5.37 -16.36 -0.23
N LYS A 90 5.84 -17.60 -0.16
CA LYS A 90 7.12 -17.96 -0.74
C LYS A 90 6.96 -18.75 -2.05
N LYS A 91 5.75 -19.29 -2.27
CA LYS A 91 5.44 -20.04 -3.50
C LYS A 91 5.19 -19.10 -4.64
N GLN A 92 5.26 -19.63 -5.87
CA GLN A 92 4.75 -18.90 -7.00
C GLN A 92 3.22 -18.94 -6.92
N PHE A 93 2.55 -17.99 -7.58
CA PHE A 93 1.10 -17.92 -7.50
C PHE A 93 0.41 -19.22 -7.91
N GLU A 94 0.70 -19.71 -9.12
CA GLU A 94 0.08 -20.93 -9.63
C GLU A 94 0.28 -22.14 -8.70
N GLU A 95 1.25 -22.06 -7.80
CA GLU A 95 1.58 -23.18 -6.92
C GLU A 95 0.85 -23.14 -5.58
N LEU A 96 -0.08 -22.19 -5.46
CA LEU A 96 -0.92 -22.07 -4.27
C LEU A 96 -2.08 -23.04 -4.33
N THR A 97 -2.36 -23.73 -3.24
CA THR A 97 -3.54 -24.57 -3.19
C THR A 97 -4.76 -23.67 -3.20
N LEU A 98 -5.88 -24.18 -3.70
CA LEU A 98 -7.12 -23.39 -3.74
C LEU A 98 -7.47 -22.93 -2.34
N GLY A 99 -7.22 -23.78 -1.36
CA GLY A 99 -7.43 -23.42 0.03
C GLY A 99 -6.58 -22.24 0.46
N GLU A 100 -5.26 -22.35 0.25
CA GLU A 100 -4.35 -21.24 0.52
C GLU A 100 -4.84 -19.96 -0.14
N PHE A 101 -5.25 -20.06 -1.40
CA PHE A 101 -5.75 -18.87 -2.10
C PHE A 101 -6.99 -18.29 -1.45
N LEU A 102 -7.85 -19.14 -0.91
CA LEU A 102 -9.04 -18.67 -0.23
C LEU A 102 -8.68 -17.96 1.06
N LYS A 103 -7.85 -18.61 1.87
CA LYS A 103 -7.41 -17.99 3.11
C LYS A 103 -6.66 -16.68 2.85
N LEU A 104 -5.85 -16.65 1.78
CA LEU A 104 -5.19 -15.41 1.38
C LEU A 104 -6.20 -14.33 1.03
N ASP A 105 -7.18 -14.70 0.21
CA ASP A 105 -8.18 -13.74 -0.24
C ASP A 105 -9.06 -13.22 0.90
N ARG A 106 -9.25 -14.03 1.94
CA ARG A 106 -10.05 -13.63 3.10
C ARG A 106 -9.25 -12.67 3.97
N GLU A 107 -7.96 -12.96 4.14
CA GLU A 107 -7.05 -12.06 4.83
C GLU A 107 -7.06 -10.70 4.15
N ARG A 108 -7.09 -10.71 2.82
CA ARG A 108 -7.09 -9.48 2.05
C ARG A 108 -8.33 -8.63 2.31
N ALA A 109 -9.50 -9.25 2.28
CA ALA A 109 -10.74 -8.54 2.59
C ALA A 109 -10.65 -7.92 3.99
N LYS A 110 -10.08 -8.67 4.91
CA LYS A 110 -9.84 -8.18 6.27
C LYS A 110 -8.88 -6.99 6.22
N ASN A 111 -7.88 -7.05 5.35
CA ASN A 111 -6.93 -5.95 5.21
C ASN A 111 -7.56 -4.68 4.63
N LYS A 112 -8.55 -4.86 3.76
CA LYS A 112 -9.26 -3.73 3.18
C LYS A 112 -10.20 -3.08 4.20
N ILE A 113 -10.82 -3.92 5.04
CA ILE A 113 -11.66 -3.43 6.13
C ILE A 113 -10.83 -2.64 7.13
N ALA A 114 -9.58 -3.04 7.32
CA ALA A 114 -8.67 -2.37 8.24
C ALA A 114 -8.23 -1.00 7.74
N LYS A 115 -7.79 -0.92 6.48
CA LYS A 115 -7.33 0.34 5.90
C LYS A 115 -8.46 1.38 5.93
N GLU A 116 -9.67 0.92 5.64
CA GLU A 116 -10.85 1.76 5.64
C GLU A 116 -11.16 2.30 7.05
N THR A 117 -11.09 1.42 8.04
CA THR A 117 -11.27 1.82 9.43
C THR A 117 -10.27 2.91 9.81
N ASN A 118 -9.00 2.67 9.48
CA ASN A 118 -7.95 3.64 9.70
C ASN A 118 -8.26 4.99 9.07
N ASN A 119 -8.74 4.97 7.84
CA ASN A 119 -9.07 6.21 7.16
C ASN A 119 -10.25 6.92 7.80
N LYS A 120 -11.22 6.13 8.28
CA LYS A 120 -12.38 6.68 8.97
C LYS A 120 -11.98 7.30 10.30
N LYS A 121 -11.13 6.60 11.05
CA LYS A 121 -10.64 7.11 12.33
C LYS A 121 -9.74 8.32 12.14
N LYS A 122 -8.91 8.28 11.12
CA LYS A 122 -8.00 9.38 10.83
C LYS A 122 -8.74 10.67 10.47
N GLU A 123 -9.74 10.55 9.59
CA GLU A 123 -10.58 11.69 9.23
C GLU A 123 -11.34 12.19 10.45
N PHE A 124 -11.77 11.27 11.30
CA PHE A 124 -12.49 11.63 12.52
C PHE A 124 -11.63 12.41 13.52
N GLU A 125 -10.39 11.96 13.72
CA GLU A 125 -9.51 12.65 14.66
C GLU A 125 -9.13 14.03 14.13
N GLU A 126 -9.00 14.14 12.82
CA GLU A 126 -8.68 15.43 12.21
C GLU A 126 -9.79 16.44 12.52
N THR A 127 -11.03 15.96 12.48
CA THR A 127 -12.21 16.79 12.77
C THR A 127 -12.36 17.08 14.26
N ALA A 128 -12.18 16.06 15.09
CA ALA A 128 -12.34 16.20 16.53
C ALA A 128 -11.37 17.21 17.13
N LYS A 129 -10.11 17.12 16.73
CA LYS A 129 -9.09 18.06 17.19
C LYS A 129 -9.53 19.48 16.88
N LYS A 130 -10.06 19.68 15.67
CA LYS A 130 -10.54 21.00 15.26
C LYS A 130 -11.73 21.41 16.14
N VAL A 131 -12.56 20.44 16.50
CA VAL A 131 -13.67 20.71 17.40
C VAL A 131 -13.21 21.01 18.83
N ARG A 132 -12.40 20.13 19.41
CA ARG A 132 -11.87 20.34 20.74
C ARG A 132 -11.25 21.73 20.84
N ARG A 133 -10.40 22.10 19.87
CA ARG A 133 -9.71 23.39 19.92
C ARG A 133 -10.65 24.59 19.99
N ALA A 134 -11.75 24.54 19.25
CA ALA A 134 -12.70 25.66 19.20
C ALA A 134 -13.48 25.76 20.51
N ILE A 135 -13.62 24.63 21.18
CA ILE A 135 -14.30 24.58 22.47
C ILE A 135 -13.41 25.12 23.59
N GLU A 136 -12.10 24.90 23.49
CA GLU A 136 -11.14 25.52 24.39
C GLU A 136 -11.30 27.04 24.41
N GLN A 137 -11.43 27.62 23.23
CA GLN A 137 -11.61 29.06 23.11
C GLN A 137 -12.76 29.51 24.00
N LEU A 138 -13.90 28.83 23.91
CA LEU A 138 -15.02 29.14 24.78
C LEU A 138 -14.63 29.01 26.24
N ALA A 139 -13.99 27.89 26.57
CA ALA A 139 -13.58 27.61 27.94
C ALA A 139 -12.95 28.84 28.59
N ALA A 140 -11.96 29.42 27.91
CA ALA A 140 -11.36 30.68 28.35
C ALA A 140 -12.41 31.75 28.58
N MET A 141 -13.07 32.17 27.50
CA MET A 141 -14.16 33.16 27.55
C MET A 141 -13.63 34.58 27.43
N ALA B 1 11.34 5.12 0.20
CA ALA B 1 9.94 5.53 0.18
C ALA B 1 9.40 5.75 1.59
N ARG B 2 8.34 6.54 1.69
CA ARG B 2 7.72 6.84 2.98
C ARG B 2 6.21 6.63 2.92
N TPO B 3 5.56 6.65 4.07
CA TPO B 3 4.11 6.50 4.14
CB TPO B 3 3.66 6.14 5.55
CG2 TPO B 3 2.14 6.21 5.65
OG1 TPO B 3 4.08 4.80 5.81
P TPO B 3 4.58 4.70 7.35
O1P TPO B 3 5.61 3.64 7.46
O2P TPO B 3 5.19 6.11 7.84
O3P TPO B 3 3.32 4.29 8.27
C TPO B 3 3.41 7.77 3.65
O TPO B 3 3.78 8.88 4.02
N LYS B 4 2.41 7.58 2.78
CA LYS B 4 1.67 8.69 2.19
C LYS B 4 0.88 9.48 3.23
ZN ZN C . 1.35 -5.50 1.59
#